data_6SJ8
#
_entry.id   6SJ8
#
_cell.length_a   75.760
_cell.length_b   83.850
_cell.length_c   86.490
_cell.angle_alpha   90.000
_cell.angle_beta   90.000
_cell.angle_gamma   90.000
#
_symmetry.space_group_name_H-M   'P 21 21 21'
#
loop_
_entity.id
_entity.type
_entity.pdbx_description
1 polymer 'Tetrahydromethanopterin S-methyltransferase'
2 non-polymer (6S)-2-amino-6-methyl-5,6,7,8-tetrahydropteridin-4(3H)-one
3 non-polymer 'SODIUM ION'
4 non-polymer GLYCEROL
5 non-polymer 'SULFATE ION'
6 water water
#
_entity_poly.entity_id   1
_entity_poly.type   'polypeptide(L)'
_entity_poly.pdbx_seq_one_letter_code
;GSFKFTAQQHVYDINGVKVGGQPGEYPTVLIGSIFYRGHKIVSDGQKGIFDKDAAKALLDQEAELSAETGNPFIIDVLGE
SVEALTKYVEFILENTTAPFLLDSISPDVRVGALKNLGKDPEIQKRLIYNSIEEHYTEEELAAIKEAGLKTAVILAFSKK
ALKPNARIDLLQGKDDKEGLIAAAKRAGIEQFLVDPGVLDVASNSWTTEAINVVKEQFGYPGGCAPSNAVYLWKKMRSKG
TPFFEVAGAAVFTYPITQGADFILYGPMMNAPWVYRAIATTDAMIAYNNKLTGVKMGTTEHPLLKIF
;
_entity_poly.pdbx_strand_id   A,B
#
# COMPACT_ATOMS: atom_id res chain seq x y z
N PHE A 3 12.15 9.13 -4.23
CA PHE A 3 12.28 10.49 -3.59
C PHE A 3 13.19 10.38 -2.35
N LYS A 4 13.80 11.51 -1.99
CA LYS A 4 14.74 11.64 -0.86
C LYS A 4 14.36 12.90 -0.07
N PHE A 5 14.69 12.88 1.21
CA PHE A 5 14.46 14.01 2.10
C PHE A 5 15.73 14.86 2.18
N THR A 6 15.54 16.19 2.28
CA THR A 6 16.65 17.12 2.28
C THR A 6 17.45 17.05 3.58
N ALA A 7 16.76 17.07 4.72
CA ALA A 7 17.47 17.00 6.00
C ALA A 7 18.21 15.66 6.07
N GLN A 8 19.41 15.69 6.66
CA GLN A 8 20.06 14.45 7.09
C GLN A 8 19.14 13.73 8.09
N GLN A 9 18.88 12.46 7.81
CA GLN A 9 17.95 11.71 8.63
C GLN A 9 18.66 11.20 9.88
N HIS A 10 17.99 11.33 11.02
CA HIS A 10 18.41 10.71 12.24
C HIS A 10 18.07 9.22 12.18
N VAL A 11 19.07 8.37 12.42
CA VAL A 11 18.83 6.96 12.55
C VAL A 11 19.24 6.59 13.99
N TYR A 12 18.26 6.25 14.79
CA TYR A 12 18.56 5.85 16.14
C TYR A 12 18.82 4.35 16.18
N ASP A 13 19.65 3.96 17.15
CA ASP A 13 19.96 2.58 17.46
C ASP A 13 19.47 2.34 18.90
N ILE A 14 18.30 1.73 19.02
CA ILE A 14 17.67 1.50 20.30
C ILE A 14 17.85 0.03 20.67
N ASN A 15 18.87 -0.25 21.49
CA ASN A 15 19.26 -1.61 21.82
C ASN A 15 19.35 -2.47 20.56
N GLY A 16 19.92 -1.92 19.49
CA GLY A 16 20.16 -2.68 18.27
C GLY A 16 19.10 -2.49 17.19
N VAL A 17 17.93 -1.94 17.54
CA VAL A 17 16.90 -1.65 16.57
C VAL A 17 17.21 -0.30 15.92
N LYS A 18 17.39 -0.30 14.60
CA LYS A 18 17.67 0.91 13.84
C LYS A 18 16.33 1.45 13.35
N VAL A 19 16.08 2.72 13.58
CA VAL A 19 14.84 3.35 13.15
C VAL A 19 15.15 4.71 12.58
N GLY A 20 14.57 4.95 11.39
CA GLY A 20 14.80 6.17 10.68
C GLY A 20 15.50 5.94 9.36
N GLY A 21 15.93 7.03 8.74
CA GLY A 21 16.69 6.98 7.53
C GLY A 21 15.91 7.47 6.31
N GLN A 22 16.60 7.48 5.18
CA GLN A 22 15.99 7.80 3.89
C GLN A 22 15.14 6.64 3.44
N PRO A 23 14.15 6.87 2.55
CA PRO A 23 13.29 5.79 2.07
C PRO A 23 14.17 4.66 1.51
N GLY A 24 13.96 3.44 2.02
CA GLY A 24 14.65 2.26 1.52
C GLY A 24 15.97 1.94 2.23
N GLU A 25 16.44 2.81 3.14
CA GLU A 25 17.70 2.59 3.79
C GLU A 25 17.59 1.47 4.83
N TYR A 26 16.56 1.55 5.67
CA TYR A 26 16.32 0.61 6.75
C TYR A 26 14.91 0.05 6.61
N PRO A 27 14.70 -1.21 7.01
CA PRO A 27 13.36 -1.79 7.02
C PRO A 27 12.46 -1.09 8.04
N THR A 28 11.16 -1.15 7.78
CA THR A 28 10.19 -0.66 8.70
C THR A 28 10.30 -1.37 10.06
N VAL A 29 10.19 -0.58 11.13
CA VAL A 29 10.12 -1.12 12.45
C VAL A 29 8.65 -1.33 12.80
N LEU A 30 8.31 -2.55 13.24
CA LEU A 30 6.94 -2.91 13.53
C LEU A 30 6.71 -3.03 15.03
N ILE A 31 5.62 -2.42 15.47
CA ILE A 31 5.34 -2.24 16.88
C ILE A 31 3.98 -2.84 17.17
N GLY A 32 3.96 -4.02 17.79
CA GLY A 32 2.76 -4.73 18.09
C GLY A 32 2.37 -4.60 19.56
N SER A 33 1.06 -4.50 19.81
CA SER A 33 0.52 -4.28 21.14
C SER A 33 0.25 -5.59 21.88
N ILE A 34 0.50 -5.53 23.18
CA ILE A 34 0.27 -6.62 24.10
C ILE A 34 -0.32 -6.03 25.39
N PHE A 35 -1.27 -6.76 25.97
CA PHE A 35 -1.96 -6.42 27.21
C PHE A 35 -2.87 -5.19 27.03
N TYR A 36 -3.29 -4.96 25.77
CA TYR A 36 -4.26 -3.95 25.40
C TYR A 36 -5.60 -4.31 26.03
N ARG A 37 -6.47 -3.31 26.08
CA ARG A 37 -7.81 -3.48 26.65
C ARG A 37 -8.53 -4.57 25.87
N GLY A 38 -9.01 -5.59 26.60
CA GLY A 38 -9.72 -6.66 25.98
C GLY A 38 -8.84 -7.82 25.55
N HIS A 39 -7.51 -7.71 25.70
CA HIS A 39 -6.62 -8.79 25.29
C HIS A 39 -6.96 -10.03 26.10
N LYS A 40 -7.28 -11.12 25.41
CA LYS A 40 -7.78 -12.31 26.05
C LYS A 40 -6.72 -13.00 26.93
N ILE A 41 -5.45 -12.61 26.81
CA ILE A 41 -4.42 -13.23 27.65
C ILE A 41 -4.30 -12.53 29.02
N VAL A 42 -5.11 -11.50 29.25
CA VAL A 42 -5.22 -10.81 30.51
C VAL A 42 -6.56 -11.14 31.15
N SER A 43 -6.55 -11.67 32.38
CA SER A 43 -7.77 -11.99 33.10
C SER A 43 -8.12 -10.91 34.13
N ASP A 44 -7.15 -10.13 34.58
CA ASP A 44 -7.40 -9.09 35.54
C ASP A 44 -6.43 -7.96 35.19
N GLY A 45 -6.94 -6.89 34.57
CA GLY A 45 -6.14 -5.78 34.09
C GLY A 45 -5.76 -4.82 35.19
N GLN A 46 -6.37 -4.94 36.38
CA GLN A 46 -5.95 -4.11 37.52
C GLN A 46 -4.76 -4.74 38.26
N LYS A 47 -4.82 -6.05 38.51
CA LYS A 47 -3.70 -6.73 39.20
C LYS A 47 -2.61 -7.14 38.21
N GLY A 48 -2.92 -7.21 36.91
CA GLY A 48 -1.96 -7.68 35.93
C GLY A 48 -1.78 -9.18 35.94
N ILE A 49 -2.90 -9.90 35.99
CA ILE A 49 -2.89 -11.37 35.86
C ILE A 49 -3.03 -11.71 34.39
N PHE A 50 -1.98 -12.35 33.86
CA PHE A 50 -1.89 -12.63 32.43
C PHE A 50 -1.25 -13.99 32.19
N ASP A 51 -1.47 -14.47 30.98
CA ASP A 51 -1.04 -15.79 30.57
C ASP A 51 0.41 -15.73 30.10
N LYS A 52 1.33 -16.14 30.97
CA LYS A 52 2.76 -16.01 30.69
C LYS A 52 3.17 -16.85 29.47
N ASP A 53 2.62 -18.05 29.36
CA ASP A 53 2.99 -18.91 28.25
C ASP A 53 2.51 -18.25 26.95
N ALA A 54 1.29 -17.72 26.93
CA ALA A 54 0.74 -17.11 25.73
C ALA A 54 1.52 -15.85 25.37
N ALA A 55 1.94 -15.08 26.37
CA ALA A 55 2.67 -13.87 26.14
C ALA A 55 4.04 -14.23 25.55
N LYS A 56 4.69 -15.25 26.12
CA LYS A 56 5.98 -15.67 25.62
C LYS A 56 5.85 -16.17 24.18
N ALA A 57 4.79 -16.92 23.89
CA ALA A 57 4.56 -17.39 22.53
C ALA A 57 4.40 -16.21 21.54
N LEU A 58 3.69 -15.14 21.95
CA LEU A 58 3.60 -13.94 21.06
C LEU A 58 4.99 -13.35 20.80
N LEU A 59 5.79 -13.26 21.87
CA LEU A 59 7.10 -12.65 21.76
C LEU A 59 8.01 -13.50 20.86
N ASP A 60 7.89 -14.81 20.99
CA ASP A 60 8.71 -15.74 20.21
C ASP A 60 8.28 -15.68 18.74
N GLN A 61 6.96 -15.60 18.51
CA GLN A 61 6.42 -15.45 17.15
C GLN A 61 6.97 -14.15 16.52
N GLU A 62 6.98 -13.07 17.30
CA GLU A 62 7.47 -11.79 16.81
C GLU A 62 8.94 -11.91 16.37
N ALA A 63 9.74 -12.58 17.21
CA ALA A 63 11.15 -12.80 16.92
C ALA A 63 11.32 -13.62 15.64
N GLU A 64 10.49 -14.65 15.46
CA GLU A 64 10.54 -15.50 14.30
C GLU A 64 10.18 -14.73 13.02
N LEU A 65 9.11 -13.95 13.07
CA LEU A 65 8.73 -13.18 11.91
C LEU A 65 9.78 -12.14 11.57
N SER A 66 10.33 -11.50 12.60
CA SER A 66 11.38 -10.51 12.38
C SER A 66 12.60 -11.16 11.73
N ALA A 67 12.97 -12.36 12.18
CA ALA A 67 14.09 -13.07 11.59
C ALA A 67 13.82 -13.41 10.12
N GLU A 68 12.55 -13.69 9.83
CA GLU A 68 12.15 -14.11 8.48
C GLU A 68 12.23 -12.94 7.51
N THR A 69 11.71 -11.77 7.91
CA THR A 69 11.59 -10.63 6.97
C THR A 69 12.71 -9.59 7.07
N GLY A 70 13.34 -9.50 8.25
CA GLY A 70 14.27 -8.45 8.53
C GLY A 70 13.66 -7.23 9.18
N ASN A 71 12.33 -7.20 9.36
CA ASN A 71 11.73 -6.06 10.03
C ASN A 71 11.99 -6.15 11.52
N PRO A 72 12.67 -5.17 12.14
CA PRO A 72 12.87 -5.15 13.58
C PRO A 72 11.55 -4.88 14.31
N PHE A 73 11.54 -5.18 15.61
CA PHE A 73 10.34 -4.99 16.36
C PHE A 73 10.65 -4.27 17.68
N ILE A 74 9.64 -3.49 18.08
CA ILE A 74 9.54 -2.85 19.38
C ILE A 74 8.16 -3.23 19.93
N ILE A 75 8.07 -3.68 21.18
CA ILE A 75 6.79 -4.13 21.72
C ILE A 75 6.04 -2.94 22.33
N ASP A 76 4.75 -2.79 22.01
CA ASP A 76 3.90 -1.78 22.63
C ASP A 76 3.24 -2.40 23.86
N VAL A 77 3.76 -2.08 25.07
CA VAL A 77 3.28 -2.67 26.31
C VAL A 77 2.26 -1.76 26.95
N LEU A 78 1.00 -2.22 26.96
CA LEU A 78 -0.10 -1.43 27.48
C LEU A 78 -0.46 -1.90 28.89
N GLY A 79 -0.98 -0.97 29.70
CA GLY A 79 -1.55 -1.33 30.99
C GLY A 79 -2.55 -0.31 31.46
N GLU A 80 -3.44 -0.77 32.35
CA GLU A 80 -4.56 0.00 32.84
C GLU A 80 -4.36 0.38 34.30
N SER A 81 -3.32 -0.15 34.95
CA SER A 81 -2.99 0.22 36.33
C SER A 81 -1.47 0.22 36.48
N VAL A 82 -0.99 0.93 37.49
CA VAL A 82 0.42 0.94 37.79
C VAL A 82 0.91 -0.48 38.10
N GLU A 83 0.15 -1.20 38.94
CA GLU A 83 0.56 -2.52 39.34
C GLU A 83 0.70 -3.43 38.11
N ALA A 84 -0.29 -3.39 37.22
CA ALA A 84 -0.32 -4.27 36.05
C ALA A 84 0.83 -3.90 35.09
N LEU A 85 0.97 -2.61 34.80
CA LEU A 85 1.96 -2.19 33.80
C LEU A 85 3.36 -2.53 34.31
N THR A 86 3.57 -2.36 35.60
CA THR A 86 4.88 -2.69 36.19
C THR A 86 5.18 -4.18 35.95
N LYS A 87 4.20 -5.04 36.25
CA LYS A 87 4.41 -6.49 36.08
C LYS A 87 4.64 -6.83 34.61
N TYR A 88 3.87 -6.19 33.72
CA TYR A 88 4.00 -6.46 32.27
C TYR A 88 5.41 -6.08 31.81
N VAL A 89 5.89 -4.92 32.25
CA VAL A 89 7.23 -4.51 31.85
C VAL A 89 8.29 -5.46 32.38
N GLU A 90 8.16 -5.89 33.64
CA GLU A 90 9.12 -6.84 34.18
C GLU A 90 9.15 -8.11 33.32
N PHE A 91 7.97 -8.56 32.89
CA PHE A 91 7.91 -9.77 32.07
C PHE A 91 8.58 -9.55 30.72
N ILE A 92 8.30 -8.42 30.09
CA ILE A 92 8.87 -8.12 28.78
C ILE A 92 10.40 -7.99 28.89
N LEU A 93 10.90 -7.35 29.94
CA LEU A 93 12.34 -7.20 30.10
C LEU A 93 13.00 -8.58 30.10
N GLU A 94 12.36 -9.54 30.77
CA GLU A 94 12.95 -10.89 30.97
C GLU A 94 12.79 -11.78 29.72
N ASN A 95 11.75 -11.57 28.90
CA ASN A 95 11.32 -12.58 27.97
C ASN A 95 11.52 -12.18 26.50
N THR A 96 12.07 -11.00 26.26
CA THR A 96 12.52 -10.60 24.93
C THR A 96 13.74 -9.70 25.13
N THR A 97 14.42 -9.41 24.03
CA THR A 97 15.48 -8.46 24.02
C THR A 97 15.03 -7.13 23.44
N ALA A 98 13.82 -7.08 22.89
CA ALA A 98 13.38 -5.89 22.15
C ALA A 98 13.24 -4.69 23.06
N PRO A 99 13.44 -3.48 22.52
CA PRO A 99 12.90 -2.28 23.14
C PRO A 99 11.37 -2.37 23.18
N PHE A 100 10.79 -1.51 23.99
CA PHE A 100 9.38 -1.53 24.16
C PHE A 100 8.87 -0.15 24.50
N LEU A 101 7.61 0.12 24.11
CA LEU A 101 6.87 1.31 24.52
C LEU A 101 6.26 1.05 25.88
N LEU A 102 6.47 1.99 26.80
CA LEU A 102 5.70 2.06 28.03
C LEU A 102 4.43 2.85 27.73
N ASP A 103 3.28 2.18 27.76
CA ASP A 103 2.08 2.74 27.18
C ASP A 103 0.89 2.59 28.12
N SER A 104 0.06 3.62 28.15
CA SER A 104 -1.21 3.61 28.84
C SER A 104 -2.05 4.76 28.31
N ILE A 105 -3.38 4.59 28.38
CA ILE A 105 -4.29 5.68 28.10
C ILE A 105 -4.14 6.76 29.16
N SER A 106 -3.96 6.35 30.41
CA SER A 106 -3.87 7.24 31.55
C SER A 106 -2.42 7.58 31.87
N PRO A 107 -2.02 8.87 31.81
CA PRO A 107 -0.66 9.25 32.14
C PRO A 107 -0.21 8.80 33.54
N ASP A 108 -1.13 8.79 34.51
CA ASP A 108 -0.71 8.46 35.87
C ASP A 108 -0.26 7.00 35.94
N VAL A 109 -0.75 6.14 35.02
CA VAL A 109 -0.33 4.75 35.03
C VAL A 109 1.12 4.66 34.55
N ARG A 110 1.46 5.39 33.50
CA ARG A 110 2.83 5.44 33.03
C ARG A 110 3.76 6.04 34.10
N VAL A 111 3.33 7.13 34.73
CA VAL A 111 4.18 7.80 35.75
C VAL A 111 4.44 6.84 36.90
N GLY A 112 3.40 6.14 37.38
CA GLY A 112 3.56 5.26 38.52
C GLY A 112 4.43 4.07 38.18
N ALA A 113 4.29 3.56 36.95
CA ALA A 113 5.13 2.42 36.54
C ALA A 113 6.60 2.85 36.49
N LEU A 114 6.89 4.03 35.97
CA LEU A 114 8.31 4.53 35.99
C LEU A 114 8.88 4.59 37.40
N LYS A 115 8.08 5.04 38.36
CA LYS A 115 8.55 5.13 39.75
C LYS A 115 9.01 3.76 40.22
N ASN A 116 8.19 2.75 39.90
CA ASN A 116 8.48 1.39 40.34
C ASN A 116 9.73 0.84 39.65
N LEU A 117 9.87 1.12 38.36
CA LEU A 117 10.93 0.54 37.57
C LEU A 117 12.28 1.19 37.90
N GLY A 118 12.26 2.49 38.18
CA GLY A 118 13.42 3.22 38.66
C GLY A 118 14.38 3.54 37.51
N LYS A 119 15.44 4.28 37.85
CA LYS A 119 16.45 4.71 36.90
C LYS A 119 17.46 3.57 36.64
N ASP A 120 16.91 2.45 36.18
CA ASP A 120 17.63 1.25 35.84
C ASP A 120 18.29 1.45 34.49
N PRO A 121 19.60 1.17 34.32
CA PRO A 121 20.22 1.35 33.00
C PRO A 121 19.49 0.57 31.89
N GLU A 122 18.90 -0.58 32.21
CA GLU A 122 18.22 -1.36 31.16
C GLU A 122 16.97 -0.60 30.70
N ILE A 123 16.26 0.04 31.63
CA ILE A 123 15.12 0.89 31.30
C ILE A 123 15.58 2.02 30.38
N GLN A 124 16.71 2.66 30.71
CA GLN A 124 17.17 3.76 29.87
C GLN A 124 17.36 3.25 28.43
N LYS A 125 17.94 2.06 28.28
CA LYS A 125 18.30 1.54 26.96
C LYS A 125 17.09 0.99 26.20
N ARG A 126 16.11 0.41 26.91
CA ARG A 126 15.06 -0.35 26.21
C ARG A 126 13.67 0.29 26.28
N LEU A 127 13.39 1.12 27.31
CA LEU A 127 12.05 1.68 27.48
C LEU A 127 11.93 3.00 26.73
N ILE A 128 10.93 3.03 25.86
CA ILE A 128 10.57 4.22 25.10
C ILE A 128 9.25 4.76 25.64
N TYR A 129 9.23 6.02 26.05
CA TYR A 129 8.02 6.57 26.63
C TYR A 129 6.94 6.85 25.59
N ASN A 130 5.76 6.26 25.76
CA ASN A 130 4.66 6.54 24.82
C ASN A 130 3.52 7.22 25.57
N SER A 131 3.45 8.54 25.56
CA SER A 131 4.13 9.46 24.65
C SER A 131 4.15 10.83 25.29
N ILE A 132 5.01 11.70 24.78
CA ILE A 132 4.92 13.12 25.06
C ILE A 132 3.90 13.70 24.08
N GLU A 133 2.79 14.19 24.65
CA GLU A 133 1.65 14.62 23.89
C GLU A 133 1.29 16.03 24.34
N GLU A 134 0.36 16.66 23.62
CA GLU A 134 -0.04 18.05 23.78
C GLU A 134 -0.33 18.43 25.25
N HIS A 135 -0.93 17.49 25.99
CA HIS A 135 -1.39 17.75 27.36
C HIS A 135 -0.39 17.25 28.41
N TYR A 136 0.90 17.16 28.06
CA TYR A 136 1.89 16.71 28.98
C TYR A 136 1.88 17.59 30.22
N THR A 137 2.20 16.99 31.36
CA THR A 137 2.25 17.69 32.63
C THR A 137 3.69 17.74 33.14
N GLU A 138 3.95 18.66 34.07
CA GLU A 138 5.27 18.77 34.62
C GLU A 138 5.60 17.52 35.43
N GLU A 139 4.61 16.88 36.08
CA GLU A 139 4.93 15.71 36.86
C GLU A 139 5.33 14.55 35.93
N GLU A 140 4.76 14.51 34.73
CA GLU A 140 5.14 13.54 33.78
C GLU A 140 6.60 13.73 33.35
N LEU A 141 6.96 14.97 33.03
CA LEU A 141 8.32 15.24 32.62
C LEU A 141 9.29 14.90 33.76
N ALA A 142 8.90 15.17 35.00
CA ALA A 142 9.73 14.85 36.15
C ALA A 142 9.90 13.34 36.25
N ALA A 143 8.84 12.56 36.01
CA ALA A 143 8.90 11.11 36.08
C ALA A 143 9.86 10.58 35.03
N ILE A 144 9.78 11.14 33.83
CA ILE A 144 10.65 10.71 32.73
C ILE A 144 12.11 10.97 33.09
N LYS A 145 12.40 12.17 33.61
CA LYS A 145 13.75 12.55 33.96
C LYS A 145 14.29 11.68 35.10
N GLU A 146 13.46 11.44 36.11
CA GLU A 146 13.90 10.65 37.27
C GLU A 146 14.17 9.19 36.88
N ALA A 147 13.53 8.69 35.82
CA ALA A 147 13.80 7.35 35.29
C ALA A 147 14.99 7.33 34.31
N GLY A 148 15.52 8.50 33.96
CA GLY A 148 16.64 8.66 33.05
C GLY A 148 16.37 8.21 31.62
N LEU A 149 15.13 8.36 31.16
CA LEU A 149 14.81 7.89 29.81
C LEU A 149 15.49 8.75 28.75
N LYS A 150 15.75 8.12 27.60
CA LYS A 150 16.48 8.78 26.54
C LYS A 150 15.68 8.85 25.22
N THR A 151 14.71 7.96 25.05
CA THR A 151 13.90 7.88 23.84
C THR A 151 12.43 7.98 24.19
N ALA A 152 11.69 8.79 23.43
CA ALA A 152 10.26 8.93 23.59
C ALA A 152 9.60 9.02 22.22
N VAL A 153 8.36 8.52 22.19
CA VAL A 153 7.45 8.88 21.13
C VAL A 153 6.90 10.27 21.41
N ILE A 154 7.01 11.12 20.39
CA ILE A 154 6.43 12.44 20.44
C ILE A 154 5.15 12.39 19.59
N LEU A 155 4.01 12.47 20.28
CA LEU A 155 2.72 12.38 19.60
C LEU A 155 2.32 13.80 19.21
N ALA A 156 2.71 14.15 17.99
CA ALA A 156 2.55 15.49 17.47
C ALA A 156 1.19 15.58 16.80
N PHE A 157 0.17 15.43 17.64
CA PHE A 157 -1.20 15.49 17.24
C PHE A 157 -1.94 16.49 18.12
N SER A 158 -2.81 17.30 17.51
CA SER A 158 -3.74 18.19 18.24
C SER A 158 -5.12 18.10 17.55
N LYS A 159 -6.21 17.75 18.27
CA LYS A 159 -7.60 17.70 17.65
C LYS A 159 -7.93 19.12 17.20
N LYS A 160 -7.18 20.10 17.68
CA LYS A 160 -7.35 21.46 17.16
C LYS A 160 -6.32 21.79 16.08
N ALA A 161 -5.56 20.82 15.56
CA ALA A 161 -4.48 21.13 14.56
C ALA A 161 -4.26 20.00 13.54
N LEU A 162 -5.28 19.75 12.71
CA LEU A 162 -5.32 18.55 11.90
C LEU A 162 -4.42 18.67 10.65
N LYS A 163 -4.07 19.88 10.19
CA LYS A 163 -3.25 20.01 8.96
C LYS A 163 -1.83 19.51 9.22
N PRO A 164 -1.19 18.86 8.22
CA PRO A 164 0.21 18.43 8.36
C PRO A 164 1.22 19.48 8.83
N ASN A 165 1.16 20.68 8.26
CA ASN A 165 2.20 21.74 8.45
C ASN A 165 2.24 22.22 9.91
N ALA A 166 1.12 22.04 10.60
CA ALA A 166 1.00 22.40 11.95
C ALA A 166 1.99 21.59 12.81
N ARG A 167 2.48 20.45 12.31
CA ARG A 167 3.36 19.68 13.10
C ARG A 167 4.67 20.44 13.33
N ILE A 168 5.06 21.32 12.41
CA ILE A 168 6.18 22.21 12.70
C ILE A 168 5.89 22.95 14.02
N ASP A 169 4.65 23.46 14.17
CA ASP A 169 4.18 24.22 15.34
C ASP A 169 4.14 23.36 16.62
N LEU A 170 3.54 22.17 16.56
CA LEU A 170 3.50 21.31 17.74
C LEU A 170 4.93 20.94 18.18
N LEU A 171 5.84 20.62 17.24
CA LEU A 171 7.22 20.17 17.63
C LEU A 171 8.11 21.33 18.09
N GLN A 172 8.04 22.45 17.34
CA GLN A 172 9.03 23.51 17.55
C GLN A 172 8.51 24.51 18.56
N GLY A 173 7.17 24.48 18.77
CA GLY A 173 6.49 25.50 19.53
C GLY A 173 6.01 26.63 18.63
N LYS A 174 5.10 27.44 19.18
CA LYS A 174 4.61 28.65 18.53
C LYS A 174 4.06 29.57 19.63
N ASP A 175 4.28 30.88 19.48
CA ASP A 175 3.75 31.85 20.41
C ASP A 175 4.28 31.49 21.80
N ASP A 176 3.38 31.37 22.80
CA ASP A 176 3.79 31.12 24.19
C ASP A 176 3.83 29.62 24.49
N LYS A 177 3.64 28.76 23.48
CA LYS A 177 3.58 27.33 23.72
C LYS A 177 4.95 26.72 23.45
N GLU A 178 5.50 26.10 24.48
CA GLU A 178 6.63 25.26 24.38
C GLU A 178 6.36 24.16 23.33
N GLY A 179 7.33 23.92 22.47
CA GLY A 179 7.20 22.77 21.58
C GLY A 179 7.29 21.45 22.33
N LEU A 180 6.79 20.38 21.70
CA LEU A 180 6.89 19.04 22.28
C LEU A 180 8.35 18.57 22.30
N ILE A 181 9.17 18.96 21.31
CA ILE A 181 10.58 18.55 21.34
C ILE A 181 11.25 19.21 22.56
N ALA A 182 11.03 20.52 22.73
CA ALA A 182 11.59 21.25 23.86
C ALA A 182 11.16 20.61 25.18
N ALA A 183 9.86 20.27 25.30
CA ALA A 183 9.39 19.63 26.54
C ALA A 183 10.14 18.31 26.77
N ALA A 184 10.25 17.50 25.72
CA ALA A 184 10.96 16.22 25.82
C ALA A 184 12.42 16.44 26.24
N LYS A 185 13.07 17.45 25.65
CA LYS A 185 14.45 17.72 26.00
C LYS A 185 14.57 18.16 27.46
N ARG A 186 13.59 18.90 27.98
CA ARG A 186 13.59 19.30 29.39
C ARG A 186 13.59 18.06 30.30
N ALA A 187 12.97 16.98 29.83
CA ALA A 187 12.86 15.74 30.57
C ALA A 187 14.10 14.85 30.35
N GLY A 188 15.05 15.31 29.53
CA GLY A 188 16.28 14.60 29.25
C GLY A 188 16.24 13.67 28.04
N ILE A 189 15.13 13.66 27.30
CA ILE A 189 14.99 12.84 26.09
C ILE A 189 15.97 13.38 25.04
N GLU A 190 16.66 12.45 24.36
CA GLU A 190 17.61 12.79 23.33
C GLU A 190 17.21 12.26 21.95
N GLN A 191 16.24 11.33 21.89
CA GLN A 191 15.84 10.64 20.65
C GLN A 191 14.32 10.68 20.57
N PHE A 192 13.82 11.15 19.41
CA PHE A 192 12.46 11.55 19.25
C PHE A 192 11.85 10.75 18.10
N LEU A 193 10.92 9.83 18.42
CA LEU A 193 10.17 9.10 17.42
C LEU A 193 8.85 9.85 17.20
N VAL A 194 8.71 10.49 16.04
CA VAL A 194 7.60 11.38 15.85
C VAL A 194 6.42 10.64 15.24
N ASP A 195 5.30 10.71 15.96
CA ASP A 195 4.05 10.10 15.56
C ASP A 195 3.01 11.19 15.41
N PRO A 196 2.60 11.60 14.19
CA PRO A 196 1.62 12.69 14.06
C PRO A 196 0.18 12.35 14.46
N GLY A 197 -0.09 11.11 14.85
CA GLY A 197 -1.46 10.72 15.23
C GLY A 197 -2.31 10.34 14.03
N VAL A 198 -3.30 9.48 14.25
CA VAL A 198 -4.23 9.04 13.23
C VAL A 198 -5.62 9.21 13.80
N LEU A 199 -6.46 9.97 13.12
CA LEU A 199 -7.82 10.17 13.61
C LEU A 199 -8.76 9.04 13.19
N ASP A 200 -8.61 8.61 11.95
CA ASP A 200 -9.46 7.60 11.32
C ASP A 200 -8.72 7.08 10.10
N VAL A 201 -9.31 6.10 9.41
CA VAL A 201 -8.57 5.45 8.34
C VAL A 201 -8.23 6.49 7.26
N ALA A 202 -9.24 7.23 6.80
CA ALA A 202 -9.02 8.08 5.63
C ALA A 202 -7.91 9.09 5.93
N SER A 203 -7.89 9.60 7.17
CA SER A 203 -6.98 10.67 7.50
C SER A 203 -5.53 10.20 7.67
N ASN A 204 -5.27 8.89 7.51
CA ASN A 204 -3.93 8.37 7.50
C ASN A 204 -3.12 9.08 6.41
N SER A 205 -3.76 9.59 5.34
CA SER A 205 -3.00 10.32 4.32
C SER A 205 -2.43 11.64 4.87
N TRP A 206 -3.20 12.34 5.72
CA TRP A 206 -2.70 13.55 6.36
C TRP A 206 -1.60 13.22 7.38
N THR A 207 -1.80 12.13 8.14
CA THR A 207 -0.75 11.66 9.03
C THR A 207 0.56 11.47 8.24
N THR A 208 0.44 10.82 7.08
CA THR A 208 1.63 10.49 6.28
C THR A 208 2.27 11.77 5.75
N GLU A 209 1.45 12.72 5.31
CA GLU A 209 1.98 14.00 4.85
C GLU A 209 2.75 14.67 5.99
N ALA A 210 2.22 14.60 7.22
CA ALA A 210 2.91 15.15 8.38
C ALA A 210 4.27 14.46 8.61
N ILE A 211 4.29 13.12 8.47
CA ILE A 211 5.53 12.39 8.56
C ILE A 211 6.55 12.94 7.55
N ASN A 212 6.07 13.17 6.33
CA ASN A 212 6.95 13.68 5.26
C ASN A 212 7.49 15.05 5.61
N VAL A 213 6.65 15.92 6.15
CA VAL A 213 7.14 17.27 6.53
C VAL A 213 8.22 17.12 7.61
N VAL A 214 7.99 16.25 8.58
CA VAL A 214 8.94 16.06 9.68
C VAL A 214 10.28 15.54 9.15
N LYS A 215 10.23 14.50 8.31
CA LYS A 215 11.51 13.95 7.80
C LYS A 215 12.21 14.97 6.89
N GLU A 216 11.44 15.67 6.05
CA GLU A 216 12.00 16.63 5.10
C GLU A 216 12.73 17.76 5.84
N GLN A 217 12.11 18.27 6.91
CA GLN A 217 12.63 19.51 7.57
C GLN A 217 13.51 19.20 8.79
N PHE A 218 13.25 18.09 9.49
CA PHE A 218 13.95 17.85 10.76
C PHE A 218 14.74 16.55 10.77
N GLY A 219 14.31 15.54 10.00
CA GLY A 219 15.06 14.31 9.91
C GLY A 219 14.76 13.36 11.05
N TYR A 220 13.77 13.64 11.90
CA TYR A 220 13.39 12.67 12.94
C TYR A 220 12.72 11.49 12.27
N PRO A 221 12.85 10.28 12.86
CA PRO A 221 12.07 9.14 12.41
C PRO A 221 10.59 9.44 12.59
N GLY A 222 9.80 9.01 11.62
CA GLY A 222 8.37 9.29 11.60
C GLY A 222 7.58 8.00 11.42
N GLY A 223 6.43 7.92 12.09
CA GLY A 223 5.63 6.72 12.06
C GLY A 223 4.25 7.02 12.62
N CYS A 224 3.38 5.99 12.70
CA CYS A 224 2.04 6.25 13.17
C CYS A 224 1.37 4.94 13.59
N ALA A 225 0.15 5.07 14.14
CA ALA A 225 -0.59 3.97 14.79
C ALA A 225 -2.00 3.90 14.23
N PRO A 226 -2.16 3.34 13.03
CA PRO A 226 -3.49 3.25 12.44
C PRO A 226 -4.42 2.11 12.90
N SER A 227 -3.96 1.24 13.80
CA SER A 227 -4.76 0.07 14.22
C SER A 227 -6.12 0.45 14.83
N ASN A 228 -6.18 1.46 15.70
CA ASN A 228 -7.45 1.75 16.38
C ASN A 228 -8.50 2.12 15.34
N ALA A 229 -8.09 2.91 14.34
CA ALA A 229 -8.99 3.29 13.28
C ALA A 229 -9.47 2.04 12.53
N VAL A 230 -8.55 1.11 12.26
CA VAL A 230 -8.87 -0.10 11.51
C VAL A 230 -9.86 -0.97 12.28
N TYR A 231 -9.66 -1.08 13.60
CA TYR A 231 -10.54 -1.92 14.45
C TYR A 231 -11.93 -1.29 14.67
N LEU A 232 -12.02 0.05 14.56
CA LEU A 232 -13.32 0.75 14.62
C LEU A 232 -14.09 0.61 13.31
N TRP A 233 -13.47 -0.01 12.29
CA TRP A 233 -14.02 -0.16 10.97
C TRP A 233 -14.78 -1.50 10.91
N LYS A 234 -15.91 -1.53 11.59
CA LYS A 234 -16.66 -2.77 11.79
C LYS A 234 -17.15 -3.31 10.44
N LYS A 235 -17.52 -2.42 9.51
CA LYS A 235 -17.96 -2.82 8.15
C LYS A 235 -16.93 -3.77 7.51
N MET A 236 -15.64 -3.54 7.74
CA MET A 236 -14.55 -4.39 7.18
C MET A 236 -14.25 -5.57 8.11
N ARG A 237 -14.09 -5.28 9.39
CA ARG A 237 -13.64 -6.33 10.31
C ARG A 237 -14.63 -7.51 10.34
N SER A 238 -15.93 -7.20 10.30
CA SER A 238 -16.91 -8.26 10.36
C SER A 238 -16.89 -9.13 9.10
N LYS A 239 -16.24 -8.67 8.01
CA LYS A 239 -16.23 -9.46 6.76
C LYS A 239 -15.36 -10.71 6.90
N GLY A 240 -14.50 -10.77 7.93
CA GLY A 240 -13.65 -11.94 8.12
C GLY A 240 -12.49 -11.97 7.14
N THR A 241 -11.85 -13.14 7.09
CA THR A 241 -10.62 -13.40 6.36
C THR A 241 -10.95 -13.70 4.89
N PRO A 242 -10.18 -13.17 3.94
CA PRO A 242 -8.99 -12.36 4.08
C PRO A 242 -9.25 -10.87 3.94
N PHE A 243 -10.54 -10.47 4.03
CA PHE A 243 -10.97 -9.11 3.72
C PHE A 243 -10.45 -8.11 4.77
N PHE A 244 -10.59 -8.47 6.05
CA PHE A 244 -10.09 -7.60 7.09
C PHE A 244 -8.57 -7.42 6.94
N GLU A 245 -7.85 -8.52 6.70
CA GLU A 245 -6.41 -8.47 6.63
C GLU A 245 -5.93 -7.64 5.43
N VAL A 246 -6.56 -7.77 4.26
CA VAL A 246 -6.06 -7.00 3.12
C VAL A 246 -6.39 -5.51 3.32
N ALA A 247 -7.54 -5.20 3.93
CA ALA A 247 -7.88 -3.78 4.19
C ALA A 247 -6.85 -3.22 5.18
N GLY A 248 -6.62 -3.96 6.27
CA GLY A 248 -5.59 -3.59 7.22
C GLY A 248 -4.22 -3.41 6.58
N ALA A 249 -3.86 -4.35 5.71
CA ALA A 249 -2.59 -4.25 5.01
C ALA A 249 -2.52 -2.96 4.19
N ALA A 250 -3.61 -2.60 3.50
CA ALA A 250 -3.61 -1.35 2.73
C ALA A 250 -3.37 -0.13 3.65
N VAL A 251 -4.00 -0.13 4.83
CA VAL A 251 -3.85 1.00 5.75
C VAL A 251 -2.42 1.04 6.32
N PHE A 252 -1.91 -0.11 6.77
CA PHE A 252 -0.64 -0.15 7.48
C PHE A 252 0.53 0.09 6.54
N THR A 253 0.41 -0.34 5.28
CA THR A 253 1.52 -0.15 4.33
C THR A 253 1.53 1.29 3.78
N TYR A 254 0.37 1.98 3.80
CA TYR A 254 0.30 3.26 3.12
C TYR A 254 1.39 4.18 3.63
N PRO A 255 1.59 4.41 4.94
CA PRO A 255 2.61 5.37 5.35
C PRO A 255 4.03 4.99 4.88
N ILE A 256 4.30 3.70 4.83
CA ILE A 256 5.60 3.19 4.42
C ILE A 256 5.86 3.59 2.96
N THR A 257 4.82 3.52 2.14
CA THR A 257 4.94 3.88 0.73
C THR A 257 5.29 5.36 0.53
N GLN A 258 5.04 6.20 1.57
CA GLN A 258 5.37 7.60 1.49
C GLN A 258 6.59 7.96 2.35
N GLY A 259 7.34 6.95 2.81
CA GLY A 259 8.64 7.17 3.47
C GLY A 259 8.66 7.04 5.00
N ALA A 260 7.58 6.54 5.61
CA ALA A 260 7.55 6.40 7.08
C ALA A 260 8.52 5.29 7.50
N ASP A 261 8.86 5.32 8.79
CA ASP A 261 9.91 4.51 9.37
C ASP A 261 9.36 3.40 10.29
N PHE A 262 8.18 3.60 10.89
CA PHE A 262 7.68 2.63 11.87
C PHE A 262 6.15 2.70 11.89
N ILE A 263 5.54 1.57 12.25
CA ILE A 263 4.11 1.42 12.33
C ILE A 263 3.79 0.71 13.64
N LEU A 264 2.84 1.27 14.39
CA LEU A 264 2.15 0.56 15.48
C LEU A 264 0.97 -0.14 14.82
N TYR A 265 1.05 -1.47 14.70
CA TYR A 265 0.10 -2.19 13.85
C TYR A 265 -1.06 -2.80 14.66
N GLY A 266 -1.11 -2.55 15.97
CA GLY A 266 -2.16 -3.07 16.81
C GLY A 266 -1.77 -4.39 17.45
N PRO A 267 -2.78 -5.20 17.85
CA PRO A 267 -2.54 -6.47 18.54
C PRO A 267 -1.52 -7.36 17.84
N MET A 268 -0.59 -7.88 18.64
CA MET A 268 0.45 -8.75 18.15
C MET A 268 -0.12 -10.00 17.44
N MET A 269 -1.32 -10.45 17.76
CA MET A 269 -1.84 -11.63 17.09
C MET A 269 -1.91 -11.43 15.56
N ASN A 270 -1.93 -10.17 15.07
CA ASN A 270 -1.99 -9.92 13.64
C ASN A 270 -0.61 -9.90 12.97
N ALA A 271 0.47 -10.06 13.75
CA ALA A 271 1.83 -9.99 13.24
C ALA A 271 2.04 -10.89 12.02
N PRO A 272 1.54 -12.14 11.99
CA PRO A 272 1.85 -13.00 10.84
C PRO A 272 1.47 -12.37 9.50
N TRP A 273 0.33 -11.68 9.41
CA TRP A 273 -0.01 -11.08 8.15
C TRP A 273 0.57 -9.67 8.02
N VAL A 274 0.69 -8.93 9.12
CA VAL A 274 1.24 -7.58 9.03
C VAL A 274 2.67 -7.65 8.51
N TYR A 275 3.50 -8.51 9.08
CA TYR A 275 4.91 -8.61 8.67
C TYR A 275 5.03 -8.94 7.19
N ARG A 276 4.17 -9.84 6.69
CA ARG A 276 4.27 -10.24 5.31
C ARG A 276 3.89 -9.10 4.37
N ALA A 277 2.88 -8.30 4.73
CA ALA A 277 2.49 -7.17 3.93
C ALA A 277 3.56 -6.07 3.94
N ILE A 278 4.01 -5.70 5.14
CA ILE A 278 4.98 -4.60 5.29
C ILE A 278 6.30 -4.96 4.61
N ALA A 279 6.75 -6.20 4.76
CA ALA A 279 7.99 -6.62 4.15
C ALA A 279 7.91 -6.47 2.63
N THR A 280 6.74 -6.76 2.07
CA THR A 280 6.53 -6.64 0.64
C THR A 280 6.74 -5.18 0.20
N THR A 281 6.09 -4.27 0.91
CA THR A 281 6.24 -2.86 0.61
C THR A 281 7.70 -2.41 0.76
N ASP A 282 8.34 -2.80 1.85
CA ASP A 282 9.72 -2.44 2.06
C ASP A 282 10.62 -2.92 0.91
N ALA A 283 10.36 -4.13 0.42
CA ALA A 283 11.18 -4.70 -0.62
C ALA A 283 11.05 -3.88 -1.92
N MET A 284 9.82 -3.51 -2.26
CA MET A 284 9.65 -2.74 -3.47
C MET A 284 10.31 -1.37 -3.34
N ILE A 285 10.20 -0.74 -2.17
CA ILE A 285 10.81 0.57 -2.00
C ILE A 285 12.34 0.48 -2.13
N ALA A 286 12.95 -0.53 -1.50
CA ALA A 286 14.40 -0.63 -1.55
C ALA A 286 14.90 -0.94 -2.96
N TYR A 287 14.10 -1.65 -3.75
CA TYR A 287 14.47 -1.96 -5.12
C TYR A 287 14.58 -0.67 -5.93
N ASN A 288 13.74 0.31 -5.58
CA ASN A 288 13.79 1.62 -6.21
C ASN A 288 15.12 2.31 -5.91
N ASN A 289 15.79 1.96 -4.81
CA ASN A 289 17.12 2.51 -4.42
C ASN A 289 18.11 2.29 -5.58
N LYS A 290 17.89 1.26 -6.41
CA LYS A 290 18.86 0.86 -7.40
C LYS A 290 18.99 1.98 -8.43
N LEU A 291 17.92 2.79 -8.59
CA LEU A 291 17.85 3.93 -9.48
C LEU A 291 18.27 5.23 -8.76
N THR A 292 18.18 5.28 -7.42
CA THR A 292 18.38 6.55 -6.63
C THR A 292 19.77 6.67 -6.01
N GLY A 293 20.51 5.56 -5.90
CA GLY A 293 21.81 5.56 -5.24
C GLY A 293 21.74 5.51 -3.71
N VAL A 294 20.54 5.49 -3.10
CA VAL A 294 20.47 5.26 -1.66
C VAL A 294 20.98 3.83 -1.42
N LYS A 295 21.90 3.66 -0.47
CA LYS A 295 22.41 2.35 -0.10
C LYS A 295 21.63 1.83 1.10
N MET A 296 21.25 0.55 1.06
CA MET A 296 20.68 -0.11 2.21
C MET A 296 21.68 0.00 3.36
N GLY A 297 21.14 0.29 4.57
CA GLY A 297 21.95 0.45 5.75
C GLY A 297 22.26 -0.86 6.46
N THR A 298 21.59 -1.93 6.05
CA THR A 298 21.72 -3.26 6.60
C THR A 298 21.42 -4.27 5.49
N THR A 299 22.09 -5.42 5.55
CA THR A 299 21.76 -6.55 4.70
C THR A 299 20.56 -7.33 5.23
N GLU A 300 20.09 -7.01 6.45
CA GLU A 300 18.94 -7.69 7.02
C GLU A 300 17.73 -6.86 6.62
N HIS A 301 17.34 -7.00 5.35
CA HIS A 301 16.30 -6.21 4.77
C HIS A 301 15.36 -7.13 4.00
N PRO A 302 14.04 -6.87 4.02
CA PRO A 302 13.10 -7.67 3.25
C PRO A 302 13.45 -7.92 1.78
N LEU A 303 14.02 -6.93 1.11
CA LEU A 303 14.38 -7.14 -0.31
C LEU A 303 15.28 -8.36 -0.49
N LEU A 304 16.18 -8.59 0.47
CA LEU A 304 17.20 -9.61 0.36
C LEU A 304 16.74 -10.90 1.03
N LYS A 305 15.52 -10.93 1.57
CA LYS A 305 15.08 -12.03 2.40
C LYS A 305 13.80 -12.73 1.93
N ILE A 306 12.82 -12.01 1.38
CA ILE A 306 11.46 -12.56 1.25
C ILE A 306 11.23 -13.26 -0.09
N PHE A 307 12.20 -13.25 -1.01
CA PHE A 307 12.01 -13.87 -2.33
C PHE A 307 12.84 -15.14 -2.48
N PHE B 3 0.78 13.02 -4.11
CA PHE B 3 1.22 13.16 -5.53
C PHE B 3 0.28 14.13 -6.26
N LYS B 4 0.86 15.07 -7.01
CA LYS B 4 0.16 15.75 -8.10
C LYS B 4 1.12 15.90 -9.28
N PHE B 5 0.67 15.49 -10.46
CA PHE B 5 1.54 15.34 -11.59
C PHE B 5 1.60 16.62 -12.41
N THR B 6 2.75 16.80 -13.05
CA THR B 6 3.11 18.01 -13.72
C THR B 6 2.20 18.27 -14.94
N ALA B 7 1.99 17.26 -15.80
CA ALA B 7 1.24 17.44 -17.03
C ALA B 7 -0.25 17.56 -16.74
N GLN B 8 -0.98 18.24 -17.65
CA GLN B 8 -2.43 18.13 -17.67
C GLN B 8 -2.79 16.67 -17.96
N GLN B 9 -3.60 16.08 -17.09
CA GLN B 9 -3.93 14.68 -17.21
C GLN B 9 -5.07 14.50 -18.20
N HIS B 10 -4.99 13.40 -18.96
CA HIS B 10 -6.05 12.92 -19.81
C HIS B 10 -6.97 11.99 -19.02
N VAL B 11 -8.26 12.32 -18.98
CA VAL B 11 -9.24 11.48 -18.40
C VAL B 11 -10.11 10.96 -19.55
N TYR B 12 -10.20 9.64 -19.67
CA TYR B 12 -11.03 9.02 -20.70
C TYR B 12 -12.33 8.53 -20.07
N ASP B 13 -13.40 8.55 -20.88
CA ASP B 13 -14.67 7.95 -20.52
C ASP B 13 -14.92 6.84 -21.53
N ILE B 14 -14.63 5.61 -21.12
CA ILE B 14 -14.69 4.46 -21.97
C ILE B 14 -15.98 3.71 -21.66
N ASN B 15 -17.02 3.93 -22.46
CA ASN B 15 -18.33 3.23 -22.30
C ASN B 15 -18.78 3.36 -20.84
N GLY B 16 -18.60 4.55 -20.27
CA GLY B 16 -19.06 4.89 -18.92
C GLY B 16 -18.04 4.72 -17.81
N VAL B 17 -16.84 4.22 -18.12
CA VAL B 17 -15.75 4.07 -17.14
C VAL B 17 -14.79 5.25 -17.29
N LYS B 18 -14.65 6.03 -16.23
CA LYS B 18 -13.70 7.11 -16.20
C LYS B 18 -12.35 6.56 -15.74
N VAL B 19 -11.28 6.96 -16.42
CA VAL B 19 -9.98 6.49 -16.05
C VAL B 19 -8.98 7.61 -16.32
N GLY B 20 -8.05 7.77 -15.36
CA GLY B 20 -7.04 8.79 -15.46
C GLY B 20 -7.25 9.90 -14.46
N GLY B 21 -6.47 10.97 -14.62
CA GLY B 21 -6.59 12.16 -13.81
C GLY B 21 -5.48 12.26 -12.78
N GLN B 22 -5.56 13.30 -11.98
CA GLN B 22 -4.70 13.50 -10.88
C GLN B 22 -5.07 12.55 -9.77
N PRO B 23 -4.15 12.21 -8.84
CA PRO B 23 -4.48 11.30 -7.75
C PRO B 23 -5.63 11.87 -6.93
N GLY B 24 -6.62 11.03 -6.67
CA GLY B 24 -7.81 11.39 -5.91
C GLY B 24 -8.96 11.93 -6.74
N GLU B 25 -8.72 12.18 -8.03
CA GLU B 25 -9.77 12.71 -8.88
C GLU B 25 -10.83 11.62 -9.14
N TYR B 26 -10.36 10.46 -9.59
CA TYR B 26 -11.19 9.31 -9.92
C TYR B 26 -10.66 8.08 -9.21
N PRO B 27 -11.57 7.16 -8.84
CA PRO B 27 -11.14 5.93 -8.21
C PRO B 27 -10.34 5.07 -9.19
N THR B 28 -9.56 4.16 -8.63
CA THR B 28 -8.82 3.22 -9.43
C THR B 28 -9.82 2.34 -10.23
N VAL B 29 -9.49 2.12 -11.51
CA VAL B 29 -10.21 1.16 -12.33
C VAL B 29 -9.57 -0.21 -12.15
N LEU B 30 -10.40 -1.22 -11.86
CA LEU B 30 -9.92 -2.56 -11.60
C LEU B 30 -10.29 -3.47 -12.77
N ILE B 31 -9.30 -4.26 -13.18
CA ILE B 31 -9.38 -5.04 -14.39
C ILE B 31 -9.09 -6.49 -14.07
N GLY B 32 -10.15 -7.32 -14.04
CA GLY B 32 -10.01 -8.72 -13.69
C GLY B 32 -10.00 -9.60 -14.92
N SER B 33 -9.21 -10.69 -14.84
CA SER B 33 -9.05 -11.62 -15.94
C SER B 33 -10.08 -12.74 -15.89
N ILE B 34 -10.56 -13.12 -17.09
CA ILE B 34 -11.48 -14.22 -17.29
C ILE B 34 -11.03 -14.99 -18.51
N PHE B 35 -11.15 -16.32 -18.43
CA PHE B 35 -10.80 -17.25 -19.49
C PHE B 35 -9.29 -17.33 -19.69
N TYR B 36 -8.52 -16.92 -18.67
CA TYR B 36 -7.07 -17.07 -18.63
C TYR B 36 -6.70 -18.55 -18.69
N ARG B 37 -5.42 -18.82 -18.96
CA ARG B 37 -4.92 -20.18 -19.05
C ARG B 37 -5.13 -20.86 -17.70
N GLY B 38 -5.80 -22.01 -17.74
CA GLY B 38 -6.09 -22.78 -16.56
C GLY B 38 -7.37 -22.38 -15.85
N HIS B 39 -8.08 -21.36 -16.34
CA HIS B 39 -9.32 -20.96 -15.71
C HIS B 39 -10.30 -22.15 -15.75
N LYS B 40 -10.71 -22.64 -14.57
CA LYS B 40 -11.39 -23.94 -14.55
C LYS B 40 -12.84 -23.89 -15.04
N ILE B 41 -13.41 -22.70 -15.23
CA ILE B 41 -14.73 -22.63 -15.81
C ILE B 41 -14.70 -22.91 -17.31
N VAL B 42 -13.51 -22.91 -17.91
CA VAL B 42 -13.32 -23.23 -19.33
C VAL B 42 -13.10 -24.73 -19.46
N SER B 43 -13.95 -25.38 -20.26
CA SER B 43 -13.83 -26.80 -20.49
C SER B 43 -13.01 -27.10 -21.75
N ASP B 44 -12.96 -26.15 -22.70
CA ASP B 44 -12.19 -26.33 -23.93
C ASP B 44 -11.69 -24.95 -24.38
N GLY B 45 -10.42 -24.68 -24.12
CA GLY B 45 -9.81 -23.37 -24.40
C GLY B 45 -9.51 -23.14 -25.87
N GLN B 46 -9.47 -24.20 -26.66
CA GLN B 46 -9.28 -24.05 -28.11
C GLN B 46 -10.59 -23.63 -28.79
N LYS B 47 -11.70 -24.24 -28.39
CA LYS B 47 -13.01 -23.92 -28.97
C LYS B 47 -13.73 -22.80 -28.24
N GLY B 48 -13.29 -22.46 -27.02
CA GLY B 48 -13.93 -21.43 -26.23
C GLY B 48 -15.26 -21.91 -25.64
N ILE B 49 -15.24 -23.12 -25.07
CA ILE B 49 -16.40 -23.69 -24.40
C ILE B 49 -16.21 -23.53 -22.89
N PHE B 50 -17.21 -22.93 -22.24
CA PHE B 50 -17.11 -22.55 -20.83
C PHE B 50 -18.50 -22.55 -20.19
N ASP B 51 -18.49 -22.56 -18.85
CA ASP B 51 -19.70 -22.52 -18.09
C ASP B 51 -20.20 -21.08 -18.05
N LYS B 52 -21.24 -20.81 -18.82
CA LYS B 52 -21.74 -19.46 -18.97
C LYS B 52 -22.34 -18.92 -17.66
N ASP B 53 -22.99 -19.78 -16.88
CA ASP B 53 -23.54 -19.33 -15.61
C ASP B 53 -22.41 -18.94 -14.65
N ALA B 54 -21.33 -19.73 -14.62
CA ALA B 54 -20.20 -19.40 -13.75
C ALA B 54 -19.55 -18.10 -14.21
N ALA B 55 -19.43 -17.92 -15.53
CA ALA B 55 -18.87 -16.67 -16.03
C ALA B 55 -19.78 -15.49 -15.65
N LYS B 56 -21.09 -15.64 -15.84
CA LYS B 56 -21.99 -14.58 -15.48
C LYS B 56 -21.93 -14.29 -13.98
N ALA B 57 -21.77 -15.33 -13.16
CA ALA B 57 -21.68 -15.11 -11.70
C ALA B 57 -20.46 -14.24 -11.38
N LEU B 58 -19.35 -14.46 -12.07
CA LEU B 58 -18.16 -13.62 -11.89
C LEU B 58 -18.47 -12.15 -12.26
N LEU B 59 -19.13 -11.98 -13.41
CA LEU B 59 -19.44 -10.66 -13.89
C LEU B 59 -20.41 -9.96 -12.94
N ASP B 60 -21.37 -10.70 -12.39
CA ASP B 60 -22.35 -10.10 -11.49
C ASP B 60 -21.66 -9.72 -10.17
N GLN B 61 -20.74 -10.59 -9.69
CA GLN B 61 -19.94 -10.29 -8.50
C GLN B 61 -19.13 -9.01 -8.72
N GLU B 62 -18.55 -8.87 -9.91
CA GLU B 62 -17.75 -7.69 -10.23
C GLU B 62 -18.62 -6.44 -10.10
N ALA B 63 -19.83 -6.51 -10.67
CA ALA B 63 -20.76 -5.37 -10.64
C ALA B 63 -21.14 -5.06 -9.20
N GLU B 64 -21.34 -6.10 -8.37
CA GLU B 64 -21.72 -5.88 -6.98
C GLU B 64 -20.59 -5.17 -6.21
N LEU B 65 -19.35 -5.66 -6.40
CA LEU B 65 -18.22 -5.10 -5.71
C LEU B 65 -18.02 -3.64 -6.13
N SER B 66 -18.16 -3.40 -7.43
CA SER B 66 -18.00 -2.07 -7.97
C SER B 66 -19.05 -1.13 -7.37
N ALA B 67 -20.28 -1.61 -7.24
CA ALA B 67 -21.34 -0.84 -6.62
C ALA B 67 -21.02 -0.53 -5.16
N GLU B 68 -20.37 -1.49 -4.47
CA GLU B 68 -20.04 -1.38 -3.05
C GLU B 68 -18.96 -0.28 -2.86
N THR B 69 -17.90 -0.33 -3.68
CA THR B 69 -16.74 0.51 -3.40
C THR B 69 -16.65 1.77 -4.25
N GLY B 70 -17.30 1.77 -5.42
CA GLY B 70 -17.19 2.83 -6.39
C GLY B 70 -16.04 2.64 -7.38
N ASN B 71 -15.24 1.58 -7.24
CA ASN B 71 -14.21 1.29 -8.24
C ASN B 71 -14.84 0.77 -9.51
N PRO B 72 -14.68 1.44 -10.66
CA PRO B 72 -15.22 0.94 -11.92
C PRO B 72 -14.42 -0.26 -12.41
N PHE B 73 -15.00 -1.04 -13.32
CA PHE B 73 -14.31 -2.21 -13.80
C PHE B 73 -14.31 -2.29 -15.33
N ILE B 74 -13.23 -2.89 -15.82
CA ILE B 74 -13.00 -3.28 -17.20
C ILE B 74 -12.60 -4.75 -17.14
N ILE B 75 -13.15 -5.58 -18.04
CA ILE B 75 -12.88 -7.01 -17.99
C ILE B 75 -11.69 -7.32 -18.89
N ASP B 76 -10.73 -8.09 -18.38
CA ASP B 76 -9.59 -8.57 -19.18
C ASP B 76 -9.97 -9.92 -19.79
N VAL B 77 -10.32 -9.92 -21.09
CA VAL B 77 -10.84 -11.12 -21.75
C VAL B 77 -9.67 -11.79 -22.47
N LEU B 78 -9.27 -12.96 -21.99
CA LEU B 78 -8.13 -13.68 -22.52
C LEU B 78 -8.60 -14.82 -23.43
N GLY B 79 -7.79 -15.10 -24.46
CA GLY B 79 -8.03 -16.27 -25.28
C GLY B 79 -6.75 -16.78 -25.89
N GLU B 80 -6.75 -18.08 -26.21
CA GLU B 80 -5.57 -18.75 -26.77
C GLU B 80 -5.78 -19.13 -28.24
N SER B 81 -6.98 -18.89 -28.77
CA SER B 81 -7.29 -19.17 -30.15
C SER B 81 -8.26 -18.09 -30.65
N VAL B 82 -8.26 -17.89 -31.97
CA VAL B 82 -9.19 -16.97 -32.60
C VAL B 82 -10.63 -17.39 -32.30
N GLU B 83 -10.89 -18.69 -32.46
CA GLU B 83 -12.23 -19.23 -32.27
C GLU B 83 -12.72 -18.90 -30.84
N ALA B 84 -11.86 -19.19 -29.87
CA ALA B 84 -12.26 -19.03 -28.45
C ALA B 84 -12.46 -17.55 -28.12
N LEU B 85 -11.49 -16.71 -28.49
CA LEU B 85 -11.52 -15.31 -28.06
C LEU B 85 -12.72 -14.62 -28.69
N THR B 86 -13.05 -14.99 -29.92
CA THR B 86 -14.24 -14.39 -30.57
C THR B 86 -15.49 -14.69 -29.74
N LYS B 87 -15.70 -15.96 -29.33
CA LYS B 87 -16.86 -16.34 -28.55
C LYS B 87 -16.87 -15.65 -27.19
N TYR B 88 -15.70 -15.53 -26.57
CA TYR B 88 -15.63 -14.88 -25.27
C TYR B 88 -16.07 -13.42 -25.40
N VAL B 89 -15.59 -12.73 -26.44
CA VAL B 89 -15.95 -11.33 -26.63
C VAL B 89 -17.46 -11.20 -26.84
N GLU B 90 -18.03 -12.08 -27.66
CA GLU B 90 -19.46 -12.04 -27.91
C GLU B 90 -20.23 -12.22 -26.59
N PHE B 91 -19.75 -13.12 -25.74
CA PHE B 91 -20.39 -13.37 -24.45
C PHE B 91 -20.33 -12.11 -23.54
N ILE B 92 -19.16 -11.50 -23.51
CA ILE B 92 -18.94 -10.36 -22.66
C ILE B 92 -19.80 -9.18 -23.14
N LEU B 93 -19.84 -9.00 -24.46
CA LEU B 93 -20.66 -7.93 -25.02
C LEU B 93 -22.11 -8.04 -24.54
N GLU B 94 -22.63 -9.27 -24.51
CA GLU B 94 -24.05 -9.51 -24.24
C GLU B 94 -24.34 -9.56 -22.73
N ASN B 95 -23.35 -9.81 -21.88
CA ASN B 95 -23.64 -10.18 -20.48
C ASN B 95 -23.11 -9.17 -19.47
N THR B 96 -22.48 -8.09 -19.96
CA THR B 96 -22.13 -6.95 -19.13
C THR B 96 -22.23 -5.71 -19.99
N THR B 97 -22.20 -4.56 -19.33
CA THR B 97 -22.13 -3.30 -20.00
C THR B 97 -20.72 -2.74 -19.94
N ALA B 98 -19.78 -3.46 -19.34
CA ALA B 98 -18.45 -2.93 -19.11
C ALA B 98 -17.63 -2.92 -20.40
N PRO B 99 -16.64 -2.01 -20.50
CA PRO B 99 -15.58 -2.14 -21.48
C PRO B 99 -14.73 -3.36 -21.13
N PHE B 100 -13.90 -3.79 -22.08
CA PHE B 100 -13.11 -4.98 -21.88
C PHE B 100 -11.85 -4.90 -22.73
N LEU B 101 -10.82 -5.58 -22.25
CA LEU B 101 -9.59 -5.76 -23.00
C LEU B 101 -9.74 -6.98 -23.91
N LEU B 102 -9.38 -6.81 -25.18
CA LEU B 102 -9.17 -7.92 -26.09
C LEU B 102 -7.71 -8.37 -25.90
N ASP B 103 -7.55 -9.49 -25.21
CA ASP B 103 -6.23 -9.90 -24.73
C ASP B 103 -5.85 -11.30 -25.20
N SER B 104 -4.66 -11.42 -25.77
CA SER B 104 -4.04 -12.67 -26.01
C SER B 104 -2.54 -12.43 -25.97
N ILE B 105 -1.80 -13.44 -25.52
CA ILE B 105 -0.36 -13.47 -25.64
C ILE B 105 0.03 -13.59 -27.12
N SER B 106 -0.86 -14.14 -27.95
CA SER B 106 -0.59 -14.34 -29.38
C SER B 106 -1.15 -13.17 -30.19
N PRO B 107 -0.30 -12.33 -30.82
CA PRO B 107 -0.82 -11.26 -31.69
C PRO B 107 -1.75 -11.79 -32.78
N ASP B 108 -1.47 -12.98 -33.33
CA ASP B 108 -2.30 -13.56 -34.39
C ASP B 108 -3.72 -13.84 -33.89
N VAL B 109 -3.84 -14.21 -32.61
CA VAL B 109 -5.13 -14.48 -32.01
C VAL B 109 -5.91 -13.19 -31.85
N ARG B 110 -5.24 -12.14 -31.37
CA ARG B 110 -5.91 -10.84 -31.22
C ARG B 110 -6.44 -10.33 -32.55
N VAL B 111 -5.57 -10.37 -33.56
CA VAL B 111 -5.90 -9.84 -34.86
C VAL B 111 -7.03 -10.66 -35.49
N GLY B 112 -6.92 -11.99 -35.42
CA GLY B 112 -7.95 -12.83 -36.00
C GLY B 112 -9.29 -12.58 -35.35
N ALA B 113 -9.31 -12.46 -34.02
CA ALA B 113 -10.55 -12.24 -33.31
C ALA B 113 -11.13 -10.87 -33.72
N LEU B 114 -10.25 -9.87 -33.74
CA LEU B 114 -10.67 -8.57 -34.06
C LEU B 114 -11.32 -8.55 -35.46
N LYS B 115 -10.71 -9.25 -36.43
CA LYS B 115 -11.23 -9.32 -37.79
C LYS B 115 -12.63 -9.94 -37.81
N ASN B 116 -12.84 -10.94 -36.94
CA ASN B 116 -14.14 -11.61 -36.85
C ASN B 116 -15.24 -10.64 -36.38
N LEU B 117 -14.87 -9.60 -35.63
CA LEU B 117 -15.84 -8.70 -35.00
C LEU B 117 -16.25 -7.56 -35.94
N GLY B 118 -15.54 -7.37 -37.05
CA GLY B 118 -15.99 -6.42 -38.06
C GLY B 118 -15.85 -4.97 -37.61
N LYS B 119 -16.73 -4.13 -38.15
CA LYS B 119 -16.89 -2.74 -37.84
C LYS B 119 -18.18 -2.59 -37.06
N ASP B 120 -18.07 -2.26 -35.77
CA ASP B 120 -19.21 -2.27 -34.89
C ASP B 120 -19.01 -1.15 -33.89
N PRO B 121 -19.86 -0.10 -33.89
CA PRO B 121 -19.65 1.01 -32.98
C PRO B 121 -19.55 0.55 -31.52
N GLU B 122 -20.27 -0.53 -31.16
CA GLU B 122 -20.22 -1.01 -29.81
C GLU B 122 -18.82 -1.51 -29.46
N ILE B 123 -18.19 -2.21 -30.42
CA ILE B 123 -16.80 -2.65 -30.28
C ILE B 123 -15.91 -1.42 -30.18
N GLN B 124 -16.15 -0.43 -31.02
CA GLN B 124 -15.27 0.72 -30.99
C GLN B 124 -15.34 1.41 -29.62
N LYS B 125 -16.50 1.38 -28.98
CA LYS B 125 -16.63 2.06 -27.69
C LYS B 125 -16.14 1.21 -26.52
N ARG B 126 -16.28 -0.12 -26.63
CA ARG B 126 -16.05 -1.00 -25.47
C ARG B 126 -14.77 -1.81 -25.53
N LEU B 127 -14.26 -2.12 -26.74
CA LEU B 127 -13.11 -2.97 -26.87
C LEU B 127 -11.82 -2.15 -26.82
N ILE B 128 -10.97 -2.49 -25.84
CA ILE B 128 -9.68 -1.90 -25.66
C ILE B 128 -8.62 -2.91 -26.10
N TYR B 129 -7.78 -2.55 -27.06
CA TYR B 129 -6.81 -3.50 -27.60
C TYR B 129 -5.69 -3.76 -26.60
N ASN B 130 -5.49 -5.02 -26.21
CA ASN B 130 -4.42 -5.35 -25.29
C ASN B 130 -3.42 -6.31 -25.94
N SER B 131 -2.39 -5.79 -26.60
CA SER B 131 -1.85 -4.46 -26.44
C SER B 131 -1.06 -4.07 -27.68
N ILE B 132 -0.75 -2.78 -27.80
CA ILE B 132 0.34 -2.33 -28.67
C ILE B 132 1.63 -2.54 -27.89
N GLU B 133 2.48 -3.43 -28.42
CA GLU B 133 3.70 -3.85 -27.72
C GLU B 133 4.84 -3.90 -28.72
N GLU B 134 6.04 -4.24 -28.22
CA GLU B 134 7.28 -4.12 -28.98
C GLU B 134 7.26 -4.89 -30.30
N HIS B 135 6.48 -5.97 -30.39
CA HIS B 135 6.51 -6.81 -31.60
C HIS B 135 5.42 -6.43 -32.61
N TYR B 136 4.83 -5.24 -32.49
CA TYR B 136 3.73 -4.87 -33.37
C TYR B 136 4.12 -4.99 -34.84
N THR B 137 3.10 -5.28 -35.67
CA THR B 137 3.26 -5.33 -37.11
C THR B 137 2.33 -4.31 -37.77
N GLU B 138 2.61 -4.02 -39.04
CA GLU B 138 1.74 -3.15 -39.82
C GLU B 138 0.39 -3.82 -40.06
N GLU B 139 0.36 -5.15 -40.23
CA GLU B 139 -0.89 -5.91 -40.36
C GLU B 139 -1.77 -5.68 -39.12
N GLU B 140 -1.14 -5.71 -37.95
CA GLU B 140 -1.86 -5.50 -36.69
C GLU B 140 -2.43 -4.09 -36.62
N LEU B 141 -1.62 -3.08 -36.92
CA LEU B 141 -2.07 -1.71 -36.88
C LEU B 141 -3.21 -1.50 -37.87
N ALA B 142 -3.11 -2.11 -39.05
CA ALA B 142 -4.14 -1.95 -40.06
C ALA B 142 -5.44 -2.62 -39.62
N ALA B 143 -5.35 -3.75 -38.91
CA ALA B 143 -6.55 -4.45 -38.41
C ALA B 143 -7.25 -3.58 -37.36
N ILE B 144 -6.45 -2.97 -36.48
CA ILE B 144 -6.99 -2.07 -35.48
C ILE B 144 -7.73 -0.90 -36.16
N LYS B 145 -7.09 -0.30 -37.17
CA LYS B 145 -7.69 0.81 -37.90
C LYS B 145 -8.97 0.38 -38.61
N GLU B 146 -8.98 -0.82 -39.21
CA GLU B 146 -10.17 -1.35 -39.91
C GLU B 146 -11.33 -1.50 -38.92
N ALA B 147 -11.02 -1.93 -37.69
CA ALA B 147 -12.03 -2.13 -36.65
C ALA B 147 -12.48 -0.78 -36.08
N GLY B 148 -11.67 0.26 -36.30
CA GLY B 148 -12.02 1.58 -35.85
C GLY B 148 -11.87 1.76 -34.35
N LEU B 149 -10.95 1.01 -33.74
CA LEU B 149 -10.75 1.11 -32.28
C LEU B 149 -10.17 2.50 -31.94
N LYS B 150 -10.50 2.95 -30.75
CA LYS B 150 -9.98 4.25 -30.31
C LYS B 150 -9.18 4.19 -29.03
N THR B 151 -9.24 3.08 -28.29
CA THR B 151 -8.47 2.94 -27.05
C THR B 151 -7.64 1.65 -27.10
N ALA B 152 -6.40 1.75 -26.65
CA ALA B 152 -5.52 0.61 -26.55
C ALA B 152 -4.71 0.71 -25.27
N VAL B 153 -4.34 -0.46 -24.74
CA VAL B 153 -3.27 -0.57 -23.78
C VAL B 153 -1.97 -0.53 -24.57
N ILE B 154 -1.06 0.33 -24.10
CA ILE B 154 0.25 0.48 -24.67
C ILE B 154 1.22 -0.15 -23.68
N LEU B 155 1.75 -1.32 -24.05
CA LEU B 155 2.52 -2.13 -23.11
C LEU B 155 4.01 -1.93 -23.34
N ALA B 156 4.68 -1.24 -22.41
CA ALA B 156 6.18 -1.14 -22.47
C ALA B 156 6.92 -2.35 -21.85
N PHE B 157 6.26 -3.47 -21.57
CA PHE B 157 7.03 -4.63 -21.11
C PHE B 157 8.06 -4.97 -22.20
N SER B 158 9.36 -4.89 -21.90
CA SER B 158 10.39 -5.47 -22.76
C SER B 158 11.61 -5.80 -21.91
N LYS B 159 12.21 -6.97 -22.16
CA LYS B 159 13.41 -7.35 -21.42
C LYS B 159 14.63 -6.57 -21.92
N LYS B 160 14.47 -5.83 -23.02
CA LYS B 160 15.47 -4.86 -23.49
C LYS B 160 15.21 -3.46 -22.93
N ALA B 161 14.23 -3.30 -22.02
CA ALA B 161 13.89 -1.98 -21.46
C ALA B 161 13.50 -2.17 -19.99
N LEU B 162 14.51 -2.41 -19.16
CA LEU B 162 14.28 -2.78 -17.74
C LEU B 162 14.04 -1.52 -16.91
N LYS B 163 14.92 -0.52 -17.09
CA LYS B 163 14.84 0.70 -16.30
C LYS B 163 13.67 1.58 -16.75
N PRO B 164 13.10 2.37 -15.83
CA PRO B 164 11.94 3.21 -16.20
C PRO B 164 12.21 4.06 -17.45
N ASN B 165 13.37 4.72 -17.54
CA ASN B 165 13.63 5.61 -18.66
C ASN B 165 13.65 4.81 -19.97
N ALA B 166 14.14 3.57 -19.94
CA ALA B 166 14.14 2.73 -21.15
C ALA B 166 12.71 2.42 -21.59
N ARG B 167 11.83 2.21 -20.61
CA ARG B 167 10.41 1.97 -20.95
C ARG B 167 9.78 3.23 -21.56
N ILE B 168 10.15 4.40 -21.04
CA ILE B 168 9.68 5.65 -21.64
C ILE B 168 10.20 5.79 -23.08
N ASP B 169 11.43 5.36 -23.35
CA ASP B 169 11.97 5.39 -24.72
C ASP B 169 11.15 4.47 -25.63
N LEU B 170 10.74 3.31 -25.11
CA LEU B 170 9.92 2.40 -25.90
C LEU B 170 8.58 3.07 -26.22
N LEU B 171 8.02 3.82 -25.25
CA LEU B 171 6.74 4.48 -25.44
C LEU B 171 6.86 5.64 -26.45
N GLN B 172 7.83 6.52 -26.24
CA GLN B 172 7.88 7.82 -26.97
C GLN B 172 8.72 7.75 -28.26
N GLY B 173 9.49 6.67 -28.40
CA GLY B 173 10.39 6.50 -29.54
C GLY B 173 11.80 6.98 -29.22
N LYS B 174 12.77 6.42 -29.93
CA LYS B 174 14.16 6.81 -29.80
C LYS B 174 14.86 6.31 -31.05
N ASP B 175 15.82 7.10 -31.55
CA ASP B 175 16.68 6.64 -32.61
C ASP B 175 15.81 6.25 -33.81
N ASP B 176 15.94 5.02 -34.31
CA ASP B 176 15.24 4.59 -35.52
C ASP B 176 13.86 4.00 -35.20
N LYS B 177 13.38 4.16 -33.96
CA LYS B 177 12.07 3.58 -33.59
C LYS B 177 11.07 4.69 -33.28
N GLU B 178 9.91 4.65 -33.93
CA GLU B 178 8.85 5.62 -33.67
C GLU B 178 8.28 5.53 -32.24
N GLY B 179 8.36 4.34 -31.64
CA GLY B 179 7.81 4.10 -30.33
C GLY B 179 6.34 3.69 -30.39
N LEU B 180 5.86 3.17 -29.25
CA LEU B 180 4.54 2.52 -29.20
C LEU B 180 3.39 3.52 -29.29
N ILE B 181 3.51 4.71 -28.72
CA ILE B 181 2.43 5.68 -28.82
C ILE B 181 2.23 6.06 -30.29
N ALA B 182 3.33 6.36 -30.97
CA ALA B 182 3.27 6.74 -32.37
C ALA B 182 2.65 5.63 -33.22
N ALA B 183 3.05 4.38 -32.94
CA ALA B 183 2.47 3.24 -33.65
C ALA B 183 0.95 3.18 -33.44
N ALA B 184 0.53 3.31 -32.18
CA ALA B 184 -0.89 3.31 -31.87
C ALA B 184 -1.62 4.42 -32.64
N LYS B 185 -1.02 5.62 -32.71
CA LYS B 185 -1.71 6.70 -33.41
C LYS B 185 -1.86 6.37 -34.89
N ARG B 186 -0.90 5.67 -35.49
CA ARG B 186 -1.05 5.29 -36.89
C ARG B 186 -2.20 4.30 -37.09
N ALA B 187 -2.53 3.53 -36.05
CA ALA B 187 -3.65 2.61 -36.08
C ALA B 187 -4.98 3.32 -35.81
N GLY B 188 -4.96 4.64 -35.56
CA GLY B 188 -6.14 5.41 -35.26
C GLY B 188 -6.52 5.47 -33.79
N ILE B 189 -5.68 4.91 -32.93
CA ILE B 189 -5.90 4.98 -31.48
C ILE B 189 -5.73 6.44 -31.02
N GLU B 190 -6.65 6.91 -30.18
CA GLU B 190 -6.63 8.28 -29.65
C GLU B 190 -6.53 8.32 -28.12
N GLN B 191 -6.70 7.16 -27.45
CA GLN B 191 -6.72 7.07 -26.00
C GLN B 191 -5.78 5.92 -25.62
N PHE B 192 -4.83 6.23 -24.73
CA PHE B 192 -3.71 5.38 -24.44
C PHE B 192 -3.69 5.01 -22.97
N LEU B 193 -3.87 3.71 -22.67
CA LEU B 193 -3.75 3.23 -21.29
C LEU B 193 -2.35 2.62 -21.18
N VAL B 194 -1.45 3.31 -20.48
CA VAL B 194 -0.06 2.92 -20.55
C VAL B 194 0.25 1.97 -19.39
N ASP B 195 0.79 0.82 -19.78
CA ASP B 195 1.15 -0.26 -18.88
C ASP B 195 2.63 -0.55 -19.06
N PRO B 196 3.52 -0.13 -18.14
CA PRO B 196 4.95 -0.39 -18.35
C PRO B 196 5.43 -1.84 -18.16
N GLY B 197 4.52 -2.74 -17.79
CA GLY B 197 4.85 -4.13 -17.53
C GLY B 197 5.40 -4.33 -16.12
N VAL B 198 5.34 -5.57 -15.65
CA VAL B 198 5.87 -5.97 -14.36
C VAL B 198 6.84 -7.13 -14.59
N LEU B 199 8.11 -6.86 -14.37
CA LEU B 199 9.16 -7.87 -14.56
C LEU B 199 9.13 -8.92 -13.42
N ASP B 200 8.88 -8.44 -12.22
CA ASP B 200 8.84 -9.25 -11.00
C ASP B 200 8.28 -8.38 -9.87
N VAL B 201 8.12 -8.94 -8.68
CA VAL B 201 7.47 -8.20 -7.59
C VAL B 201 8.30 -6.97 -7.19
N ALA B 202 9.58 -7.18 -6.89
CA ALA B 202 10.37 -6.09 -6.32
C ALA B 202 10.42 -4.93 -7.31
N SER B 203 10.51 -5.25 -8.61
CA SER B 203 10.62 -4.18 -9.63
C SER B 203 9.27 -3.53 -9.97
N ASN B 204 8.20 -3.90 -9.24
CA ASN B 204 6.98 -3.14 -9.35
C ASN B 204 7.24 -1.65 -9.03
N SER B 205 8.23 -1.36 -8.19
CA SER B 205 8.56 0.04 -7.96
C SER B 205 9.10 0.73 -9.22
N TRP B 206 9.82 0.01 -10.06
CA TRP B 206 10.29 0.55 -11.35
C TRP B 206 9.09 0.73 -12.29
N THR B 207 8.19 -0.26 -12.30
CA THR B 207 6.96 -0.14 -13.05
C THR B 207 6.23 1.16 -12.66
N THR B 208 6.16 1.39 -11.36
CA THR B 208 5.46 2.53 -10.83
C THR B 208 6.20 3.83 -11.16
N GLU B 209 7.53 3.82 -11.13
CA GLU B 209 8.30 5.00 -11.53
C GLU B 209 8.03 5.32 -13.01
N ALA B 210 7.95 4.29 -13.86
CA ALA B 210 7.59 4.53 -15.25
C ALA B 210 6.20 5.15 -15.36
N ILE B 211 5.23 4.62 -14.61
CA ILE B 211 3.90 5.25 -14.60
C ILE B 211 4.03 6.73 -14.24
N ASN B 212 4.78 7.00 -13.18
CA ASN B 212 4.97 8.39 -12.72
C ASN B 212 5.51 9.25 -13.86
N VAL B 213 6.52 8.78 -14.60
CA VAL B 213 7.08 9.58 -15.69
C VAL B 213 6.01 9.81 -16.77
N VAL B 214 5.24 8.76 -17.09
CA VAL B 214 4.17 8.90 -18.06
C VAL B 214 3.20 10.01 -17.64
N LYS B 215 2.73 9.98 -16.37
CA LYS B 215 1.76 10.97 -15.95
C LYS B 215 2.42 12.35 -15.84
N GLU B 216 3.69 12.40 -15.45
CA GLU B 216 4.44 13.65 -15.32
C GLU B 216 4.59 14.37 -16.67
N GLN B 217 4.90 13.61 -17.73
CA GLN B 217 5.32 14.18 -19.00
C GLN B 217 4.17 14.19 -20.01
N PHE B 218 3.35 13.13 -20.04
CA PHE B 218 2.37 12.91 -21.11
C PHE B 218 0.93 13.07 -20.61
N GLY B 219 0.65 12.70 -19.37
CA GLY B 219 -0.69 12.83 -18.84
C GLY B 219 -1.61 11.66 -19.18
N TYR B 220 -1.09 10.60 -19.80
CA TYR B 220 -1.90 9.45 -20.11
C TYR B 220 -2.16 8.66 -18.83
N PRO B 221 -3.30 7.95 -18.74
CA PRO B 221 -3.52 7.05 -17.63
C PRO B 221 -2.46 5.96 -17.59
N GLY B 222 -2.06 5.58 -16.37
CA GLY B 222 -1.04 4.58 -16.21
C GLY B 222 -1.47 3.52 -15.22
N GLY B 223 -0.99 2.31 -15.43
CA GLY B 223 -1.34 1.20 -14.59
C GLY B 223 -0.45 0.03 -14.89
N CYS B 224 -0.78 -1.13 -14.28
CA CYS B 224 0.07 -2.30 -14.48
C CYS B 224 -0.68 -3.55 -14.05
N ALA B 225 -0.02 -4.69 -14.31
CA ALA B 225 -0.63 -6.03 -14.16
C ALA B 225 0.33 -6.89 -13.36
N PRO B 226 0.35 -6.77 -12.03
CA PRO B 226 1.32 -7.49 -11.22
C PRO B 226 0.97 -8.93 -10.81
N SER B 227 -0.18 -9.46 -11.23
CA SER B 227 -0.64 -10.75 -10.72
C SER B 227 0.31 -11.89 -11.08
N ASN B 228 0.77 -11.94 -12.32
CA ASN B 228 1.63 -13.06 -12.69
C ASN B 228 2.87 -13.09 -11.78
N ALA B 229 3.44 -11.91 -11.54
CA ALA B 229 4.64 -11.81 -10.70
C ALA B 229 4.34 -12.33 -9.29
N VAL B 230 3.19 -11.96 -8.76
CA VAL B 230 2.77 -12.43 -7.43
C VAL B 230 2.54 -13.94 -7.41
N TYR B 231 1.87 -14.48 -8.42
CA TYR B 231 1.63 -15.93 -8.46
C TYR B 231 2.93 -16.72 -8.62
N LEU B 232 3.98 -16.13 -9.22
CA LEU B 232 5.26 -16.80 -9.37
C LEU B 232 6.16 -16.64 -8.14
N TRP B 233 5.68 -15.92 -7.13
CA TRP B 233 6.42 -15.69 -5.89
C TRP B 233 6.19 -16.90 -4.98
N LYS B 234 6.96 -17.95 -5.21
CA LYS B 234 6.71 -19.23 -4.60
C LYS B 234 6.80 -19.15 -3.07
N LYS B 235 7.76 -18.37 -2.56
CA LYS B 235 8.05 -18.38 -1.14
C LYS B 235 6.83 -17.84 -0.39
N MET B 236 6.17 -16.81 -0.95
CA MET B 236 5.06 -16.19 -0.29
C MET B 236 3.76 -16.96 -0.59
N ARG B 237 3.61 -17.45 -1.83
CA ARG B 237 2.42 -18.21 -2.18
C ARG B 237 2.27 -19.50 -1.35
N SER B 238 3.40 -20.14 -1.06
CA SER B 238 3.52 -21.35 -0.25
C SER B 238 2.97 -21.17 1.16
N LYS B 239 2.91 -19.92 1.64
CA LYS B 239 2.42 -19.64 2.98
C LYS B 239 0.88 -19.73 3.09
N GLY B 240 0.17 -19.65 1.97
CA GLY B 240 -1.28 -19.75 1.97
C GLY B 240 -1.98 -18.48 2.40
N THR B 241 -3.27 -18.61 2.68
CA THR B 241 -4.15 -17.53 3.04
C THR B 241 -4.04 -17.26 4.54
N PRO B 242 -4.05 -15.99 4.97
CA PRO B 242 -4.22 -14.77 4.18
C PRO B 242 -2.92 -14.09 3.79
N PHE B 243 -1.81 -14.82 3.93
CA PHE B 243 -0.48 -14.23 3.72
C PHE B 243 -0.30 -13.87 2.24
N PHE B 244 -0.68 -14.81 1.37
CA PHE B 244 -0.58 -14.55 -0.04
C PHE B 244 -1.41 -13.33 -0.45
N GLU B 245 -2.62 -13.21 0.07
CA GLU B 245 -3.49 -12.10 -0.28
C GLU B 245 -2.96 -10.78 0.26
N VAL B 246 -2.40 -10.76 1.48
CA VAL B 246 -1.92 -9.45 1.97
C VAL B 246 -0.67 -9.04 1.20
N ALA B 247 0.18 -10.01 0.82
CA ALA B 247 1.35 -9.65 0.01
C ALA B 247 0.89 -9.15 -1.36
N GLY B 248 -0.05 -9.89 -1.96
CA GLY B 248 -0.70 -9.40 -3.19
C GLY B 248 -1.27 -8.01 -3.07
N ALA B 249 -1.99 -7.74 -1.99
CA ALA B 249 -2.58 -6.44 -1.73
C ALA B 249 -1.50 -5.37 -1.63
N ALA B 250 -0.36 -5.68 -0.98
CA ALA B 250 0.71 -4.70 -0.91
C ALA B 250 1.23 -4.38 -2.32
N VAL B 251 1.38 -5.41 -3.15
CA VAL B 251 1.88 -5.23 -4.52
C VAL B 251 0.88 -4.42 -5.37
N PHE B 252 -0.39 -4.80 -5.33
CA PHE B 252 -1.39 -4.19 -6.17
C PHE B 252 -1.71 -2.76 -5.76
N THR B 253 -1.65 -2.47 -4.45
CA THR B 253 -1.91 -1.12 -3.99
C THR B 253 -0.70 -0.19 -4.17
N TYR B 254 0.52 -0.72 -4.24
CA TYR B 254 1.70 0.15 -4.29
C TYR B 254 1.58 1.17 -5.42
N PRO B 255 1.27 0.79 -6.67
CA PRO B 255 1.23 1.80 -7.73
C PRO B 255 0.17 2.87 -7.47
N ILE B 256 -0.95 2.49 -6.86
CA ILE B 256 -2.03 3.44 -6.55
C ILE B 256 -1.54 4.48 -5.53
N THR B 257 -0.74 4.04 -4.55
CA THR B 257 -0.19 4.95 -3.55
C THR B 257 0.71 6.00 -4.21
N GLN B 258 1.26 5.67 -5.39
CA GLN B 258 2.14 6.57 -6.12
C GLN B 258 1.42 7.23 -7.30
N GLY B 259 0.09 7.19 -7.31
CA GLY B 259 -0.72 7.98 -8.26
C GLY B 259 -1.21 7.25 -9.50
N ALA B 260 -1.05 5.93 -9.59
CA ALA B 260 -1.50 5.19 -10.79
C ALA B 260 -3.03 5.14 -10.86
N ASP B 261 -3.53 4.78 -12.06
CA ASP B 261 -4.93 4.93 -12.39
C ASP B 261 -5.71 3.62 -12.51
N PHE B 262 -5.04 2.50 -12.80
CA PHE B 262 -5.75 1.22 -13.01
C PHE B 262 -4.80 0.07 -12.67
N ILE B 263 -5.40 -1.06 -12.27
CA ILE B 263 -4.64 -2.28 -11.99
C ILE B 263 -5.37 -3.43 -12.66
N LEU B 264 -4.60 -4.21 -13.41
CA LEU B 264 -5.03 -5.51 -13.83
C LEU B 264 -4.65 -6.42 -12.67
N TYR B 265 -5.67 -6.93 -11.96
CA TYR B 265 -5.41 -7.57 -10.67
C TYR B 265 -5.34 -9.09 -10.74
N GLY B 266 -5.46 -9.66 -11.93
CA GLY B 266 -5.39 -11.09 -12.08
C GLY B 266 -6.77 -11.72 -12.15
N PRO B 267 -6.88 -13.04 -11.85
CA PRO B 267 -8.15 -13.74 -11.96
C PRO B 267 -9.29 -13.02 -11.21
N MET B 268 -10.44 -12.94 -11.87
CA MET B 268 -11.62 -12.28 -11.34
C MET B 268 -12.02 -12.90 -9.99
N MET B 269 -11.73 -14.19 -9.77
CA MET B 269 -12.09 -14.81 -8.50
C MET B 269 -11.44 -14.11 -7.29
N ASN B 270 -10.39 -13.31 -7.54
CA ASN B 270 -9.71 -12.59 -6.46
C ASN B 270 -10.34 -11.22 -6.19
N ALA B 271 -11.31 -10.81 -7.01
CA ALA B 271 -11.93 -9.49 -6.88
C ALA B 271 -12.39 -9.19 -5.46
N PRO B 272 -13.04 -10.12 -4.73
CA PRO B 272 -13.54 -9.74 -3.41
C PRO B 272 -12.47 -9.15 -2.49
N TRP B 273 -11.24 -9.69 -2.51
CA TRP B 273 -10.23 -9.11 -1.63
C TRP B 273 -9.52 -7.94 -2.31
N VAL B 274 -9.36 -8.00 -3.64
CA VAL B 274 -8.67 -6.93 -4.31
C VAL B 274 -9.45 -5.62 -4.16
N TYR B 275 -10.77 -5.65 -4.39
CA TYR B 275 -11.57 -4.42 -4.31
C TYR B 275 -11.46 -3.82 -2.90
N ARG B 276 -11.45 -4.67 -1.88
CA ARG B 276 -11.43 -4.17 -0.53
C ARG B 276 -10.11 -3.46 -0.23
N ALA B 277 -9.00 -4.01 -0.70
CA ALA B 277 -7.70 -3.39 -0.51
C ALA B 277 -7.58 -2.08 -1.30
N ILE B 278 -7.90 -2.15 -2.59
CA ILE B 278 -7.74 -0.99 -3.47
C ILE B 278 -8.62 0.17 -3.02
N ALA B 279 -9.87 -0.14 -2.68
CA ALA B 279 -10.80 0.89 -2.23
C ALA B 279 -10.24 1.62 -1.00
N THR B 280 -9.57 0.87 -0.12
CA THR B 280 -9.01 1.45 1.09
C THR B 280 -7.94 2.48 0.69
N THR B 281 -7.03 2.06 -0.17
CA THR B 281 -5.98 2.97 -0.64
C THR B 281 -6.60 4.20 -1.31
N ASP B 282 -7.58 3.98 -2.18
CA ASP B 282 -8.21 5.10 -2.85
C ASP B 282 -8.85 6.09 -1.87
N ALA B 283 -9.45 5.57 -0.81
CA ALA B 283 -10.07 6.44 0.19
C ALA B 283 -9.04 7.36 0.83
N MET B 284 -7.90 6.80 1.21
CA MET B 284 -6.86 7.60 1.84
C MET B 284 -6.31 8.64 0.85
N ILE B 285 -6.09 8.25 -0.41
CA ILE B 285 -5.57 9.20 -1.38
C ILE B 285 -6.52 10.38 -1.57
N ALA B 286 -7.82 10.10 -1.71
CA ALA B 286 -8.78 11.18 -2.00
C ALA B 286 -8.92 12.13 -0.80
N TYR B 287 -8.65 11.62 0.41
CA TYR B 287 -8.69 12.50 1.57
C TYR B 287 -7.63 13.59 1.47
N ASN B 288 -6.53 13.30 0.76
CA ASN B 288 -5.42 14.25 0.48
C ASN B 288 -5.81 15.35 -0.50
N ASN B 289 -7.00 15.30 -1.11
CA ASN B 289 -7.32 16.14 -2.27
C ASN B 289 -7.15 17.63 -1.94
N LYS B 290 -7.58 18.05 -0.75
CA LYS B 290 -7.48 19.44 -0.39
C LYS B 290 -6.01 19.87 -0.37
N LEU B 291 -5.12 19.00 0.09
CA LEU B 291 -3.70 19.32 0.16
C LEU B 291 -3.10 19.47 -1.25
N THR B 292 -3.62 18.73 -2.21
CA THR B 292 -3.00 18.70 -3.54
C THR B 292 -3.68 19.66 -4.52
N GLY B 293 -4.86 20.17 -4.19
CA GLY B 293 -5.60 21.08 -5.06
C GLY B 293 -6.50 20.35 -6.04
N VAL B 294 -6.79 19.08 -5.77
CA VAL B 294 -7.57 18.22 -6.65
C VAL B 294 -9.03 18.21 -6.16
N LYS B 295 -9.98 18.11 -7.09
CA LYS B 295 -11.39 17.89 -6.79
C LYS B 295 -11.80 16.51 -7.30
N MET B 296 -12.58 15.79 -6.49
CA MET B 296 -13.16 14.54 -6.96
C MET B 296 -14.01 14.82 -8.20
N GLY B 297 -13.91 13.91 -9.17
CA GLY B 297 -14.62 14.02 -10.42
C GLY B 297 -15.95 13.30 -10.42
N THR B 298 -16.23 12.54 -9.36
CA THR B 298 -17.41 11.73 -9.21
C THR B 298 -17.72 11.58 -7.71
N THR B 299 -19.02 11.43 -7.39
CA THR B 299 -19.49 11.13 -6.05
C THR B 299 -19.28 9.64 -5.75
N GLU B 300 -19.07 8.84 -6.82
CA GLU B 300 -18.97 7.41 -6.67
C GLU B 300 -17.51 7.08 -6.41
N HIS B 301 -17.13 7.33 -5.16
CA HIS B 301 -15.69 7.17 -4.78
C HIS B 301 -15.61 6.41 -3.46
N PRO B 302 -14.63 5.51 -3.30
CA PRO B 302 -14.48 4.76 -2.05
C PRO B 302 -14.55 5.60 -0.76
N LEU B 303 -13.93 6.77 -0.78
CA LEU B 303 -13.93 7.62 0.43
C LEU B 303 -15.36 7.88 0.92
N LEU B 304 -16.32 7.97 0.00
CA LEU B 304 -17.68 8.30 0.33
C LEU B 304 -18.57 7.07 0.52
N LYS B 305 -18.02 5.86 0.36
CA LYS B 305 -18.83 4.65 0.29
C LYS B 305 -18.45 3.57 1.31
N ILE B 306 -17.16 3.43 1.63
CA ILE B 306 -16.71 2.22 2.30
C ILE B 306 -16.68 2.31 3.83
N PHE B 307 -16.97 3.48 4.41
CA PHE B 307 -16.94 3.63 5.86
C PHE B 307 -18.35 3.68 6.45
#